data_6YYY
#
_entry.id   6YYY
#
_cell.length_a   125.815
_cell.length_b   50.318
_cell.length_c   86.603
_cell.angle_alpha   90.000
_cell.angle_beta   90.000
_cell.angle_gamma   90.000
#
_symmetry.space_group_name_H-M   'P 21 21 21'
#
loop_
_entity.id
_entity.type
_entity.pdbx_description
1 polymer 'Aspartyl/asparaginyl beta-hydroxylase'
2 polymer 'Coagulation factor X'
3 non-polymer 'MANGANESE (II) ION'
4 non-polymer '2,2-dimethyl-4-oxidanylidene-pentanedioic acid'
5 water water
#
loop_
_entity_poly.entity_id
_entity_poly.type
_entity_poly.pdbx_seq_one_letter_code
_entity_poly.pdbx_strand_id
1 'polypeptide(L)'
;KPKLLNKFDKTIKAELDAAEKLRKRGKIEEAVNAFKELVRKYPQSPRARYGKAQCEDDLAEKRRSNEVLRGAIETYQEVA
SLPDVPADLLKLSLKRRSDRQQFLGHMRGSLLTLQRLVQLFPNDTSLKNDLGVGYLLIGDNDNAKKVYEEVLSVTPNDGF
AKVHYGFILKAQNKIAESIPYLKEGIESGDPGTDDGRFYFHLGDAMQRVGNKEAYKWYELGHKRGHFASVWQRSLYNVNG
LKAQPWWTPKETGYTELVKSLERNWKLIRDEGLAVMDKAKGLFLPEDENLREKGDWSQFTLWQQGRRNENACKGAPKTCT
LLEKFPETTGCRRGQIKYSIMHPGTHVWPHTGPTNCRLRMHLGLVIPKEGCKIRCANETKTWEEGKVLIFDDSFEHEVWQ
DASSFRLIFIVDVWHPELTPQQRRSLPAI
;
A
2 'polypeptide(L)' DGDQSETSPSQNQGKCKDGLGEYTCTSLEGFEGKNSELF B
#
loop_
_chem_comp.id
_chem_comp.type
_chem_comp.name
_chem_comp.formula
MN non-polymer 'MANGANESE (II) ION' 'Mn 2'
Q1W non-polymer '2,2-dimethyl-4-oxidanylidene-pentanedioic acid' 'C7 H10 O5'
#
# COMPACT_ATOMS: atom_id res chain seq x y z
N PRO A 2 -20.01 -26.69 -12.51
CA PRO A 2 -20.55 -25.50 -11.83
C PRO A 2 -22.01 -25.64 -11.36
N LYS A 3 -22.22 -26.34 -10.23
CA LYS A 3 -23.55 -26.61 -9.68
C LYS A 3 -24.29 -25.36 -9.20
N LEU A 4 -25.30 -24.91 -9.93
CA LEU A 4 -25.93 -23.65 -9.56
C LEU A 4 -27.42 -23.76 -9.33
N LEU A 5 -28.00 -24.96 -9.53
CA LEU A 5 -29.43 -25.16 -9.28
C LEU A 5 -29.60 -26.37 -8.38
N ASN A 6 -30.13 -26.15 -7.17
CA ASN A 6 -30.75 -27.25 -6.42
C ASN A 6 -31.90 -27.68 -7.34
N LYS A 7 -32.58 -28.79 -7.05
CA LYS A 7 -33.64 -29.26 -7.94
C LYS A 7 -34.75 -28.24 -8.08
N PHE A 8 -35.29 -27.81 -6.95
CA PHE A 8 -36.33 -26.80 -6.99
C PHE A 8 -35.97 -25.62 -7.90
N ASP A 9 -34.70 -25.31 -8.12
CA ASP A 9 -34.33 -24.27 -9.08
C ASP A 9 -34.35 -24.76 -10.52
N LYS A 10 -34.21 -26.05 -10.71
CA LYS A 10 -34.42 -26.59 -12.05
C LYS A 10 -35.89 -26.49 -12.44
N THR A 11 -36.80 -26.89 -11.55
CA THR A 11 -38.22 -26.66 -11.76
C THR A 11 -38.47 -25.31 -12.45
N ILE A 12 -38.03 -24.21 -11.84
CA ILE A 12 -38.39 -22.85 -12.25
C ILE A 12 -37.35 -22.22 -13.16
N LYS A 13 -36.53 -23.05 -13.79
CA LYS A 13 -35.47 -22.49 -14.63
C LYS A 13 -36.02 -21.51 -15.67
N ALA A 14 -37.20 -21.77 -16.23
CA ALA A 14 -37.61 -20.95 -17.36
C ALA A 14 -37.66 -19.48 -16.95
N GLU A 15 -38.22 -19.19 -15.76
CA GLU A 15 -38.37 -17.81 -15.32
C GLU A 15 -37.01 -17.22 -14.93
N LEU A 16 -36.16 -18.04 -14.35
CA LEU A 16 -34.83 -17.58 -13.96
C LEU A 16 -34.02 -17.16 -15.18
N ASP A 17 -33.87 -18.06 -16.16
CA ASP A 17 -33.30 -17.72 -17.47
C ASP A 17 -33.74 -16.34 -17.92
N ALA A 18 -35.05 -16.06 -17.84
CA ALA A 18 -35.63 -14.81 -18.36
C ALA A 18 -35.07 -13.58 -17.66
N ALA A 19 -35.12 -13.59 -16.32
CA ALA A 19 -34.58 -12.46 -15.57
C ALA A 19 -33.13 -12.20 -15.96
N GLU A 20 -32.30 -13.23 -15.85
CA GLU A 20 -30.90 -13.09 -16.20
C GLU A 20 -30.74 -12.57 -17.64
N LYS A 21 -31.68 -12.93 -18.50
CA LYS A 21 -31.65 -12.37 -19.85
C LYS A 21 -31.61 -10.85 -19.76
N LEU A 22 -32.53 -10.26 -18.98
CA LEU A 22 -32.60 -8.80 -18.97
C LEU A 22 -31.29 -8.21 -18.53
N ARG A 23 -30.55 -8.95 -17.70
CA ARG A 23 -29.36 -8.42 -17.05
C ARG A 23 -28.13 -8.51 -17.98
N LYS A 24 -27.88 -9.67 -18.59
CA LYS A 24 -26.82 -9.76 -19.59
C LYS A 24 -27.02 -8.82 -20.79
N ARG A 25 -28.19 -8.20 -20.95
CA ARG A 25 -28.40 -7.15 -21.93
C ARG A 25 -28.46 -5.76 -21.30
N GLY A 26 -27.93 -5.60 -20.10
CA GLY A 26 -27.74 -4.25 -19.59
C GLY A 26 -28.93 -3.56 -18.96
N LYS A 27 -30.11 -4.19 -18.94
CA LYS A 27 -31.30 -3.57 -18.37
C LYS A 27 -31.35 -3.90 -16.88
N ILE A 28 -30.36 -3.36 -16.15
CA ILE A 28 -30.11 -3.82 -14.78
C ILE A 28 -31.20 -3.40 -13.79
N GLU A 29 -31.87 -2.27 -14.01
CA GLU A 29 -33.03 -1.98 -13.20
C GLU A 29 -34.15 -2.99 -13.45
N GLU A 30 -34.51 -3.20 -14.72
CA GLU A 30 -35.47 -4.25 -15.04
C GLU A 30 -35.07 -5.58 -14.40
N ALA A 31 -33.85 -6.04 -14.68
CA ALA A 31 -33.38 -7.34 -14.17
C ALA A 31 -33.53 -7.45 -12.66
N VAL A 32 -33.12 -6.43 -11.92
CA VAL A 32 -33.21 -6.52 -10.46
C VAL A 32 -34.64 -6.76 -10.01
N ASN A 33 -35.60 -6.09 -10.68
CA ASN A 33 -36.98 -6.16 -10.23
C ASN A 33 -37.59 -7.49 -10.54
N ALA A 34 -37.21 -8.07 -11.66
CA ALA A 34 -37.61 -9.43 -11.95
C ALA A 34 -37.13 -10.35 -10.82
N PHE A 35 -35.85 -10.23 -10.49
CA PHE A 35 -35.30 -11.12 -9.48
C PHE A 35 -35.92 -10.82 -8.15
N LYS A 36 -36.27 -9.58 -7.91
CA LYS A 36 -36.94 -9.25 -6.66
C LYS A 36 -38.27 -9.99 -6.56
N GLU A 37 -39.02 -10.06 -7.65
CA GLU A 37 -40.30 -10.73 -7.56
C GLU A 37 -40.14 -12.23 -7.65
N LEU A 38 -39.13 -12.73 -8.38
CA LEU A 38 -38.89 -14.17 -8.30
C LEU A 38 -38.40 -14.56 -6.92
N VAL A 39 -37.84 -13.61 -6.16
CA VAL A 39 -37.36 -13.90 -4.81
C VAL A 39 -38.47 -13.76 -3.79
N ARG A 40 -39.37 -12.78 -3.97
CA ARG A 40 -40.55 -12.77 -3.12
C ARG A 40 -41.47 -13.93 -3.46
N LYS A 41 -41.33 -14.52 -4.64
CA LYS A 41 -42.19 -15.59 -5.11
C LYS A 41 -41.61 -16.98 -4.86
N TYR A 42 -40.30 -17.06 -4.72
CA TYR A 42 -39.64 -18.26 -4.31
C TYR A 42 -38.62 -17.88 -3.26
N PRO A 43 -39.08 -17.52 -2.07
CA PRO A 43 -38.16 -17.00 -1.05
C PRO A 43 -37.08 -18.00 -0.66
N GLN A 44 -37.20 -19.23 -1.16
CA GLN A 44 -36.27 -20.30 -0.87
C GLN A 44 -35.34 -20.63 -2.03
N SER A 45 -35.67 -20.19 -3.23
CA SER A 45 -34.86 -20.40 -4.42
C SER A 45 -33.47 -19.79 -4.28
N PRO A 46 -32.42 -20.61 -4.20
CA PRO A 46 -31.08 -20.02 -4.09
C PRO A 46 -30.74 -19.17 -5.29
N ARG A 47 -30.91 -19.71 -6.50
CA ARG A 47 -30.53 -18.99 -7.71
C ARG A 47 -31.31 -17.69 -7.92
N ALA A 48 -32.58 -17.65 -7.52
CA ALA A 48 -33.27 -16.36 -7.51
C ALA A 48 -32.55 -15.38 -6.62
N ARG A 49 -32.20 -15.81 -5.40
CA ARG A 49 -31.53 -14.92 -4.46
C ARG A 49 -30.17 -14.50 -4.99
N TYR A 50 -29.39 -15.47 -5.53
CA TYR A 50 -28.10 -15.16 -6.16
C TYR A 50 -28.33 -14.26 -7.35
N GLY A 51 -29.50 -14.37 -7.94
CA GLY A 51 -29.82 -13.46 -9.01
C GLY A 51 -29.95 -12.03 -8.51
N LYS A 52 -30.78 -11.81 -7.49
CA LYS A 52 -30.96 -10.47 -6.94
C LYS A 52 -29.60 -9.89 -6.57
N ALA A 53 -28.75 -10.70 -5.90
CA ALA A 53 -27.46 -10.22 -5.39
C ALA A 53 -26.55 -9.77 -6.54
N GLN A 54 -26.52 -10.55 -7.62
CA GLN A 54 -25.66 -10.20 -8.76
C GLN A 54 -26.12 -8.94 -9.46
N CYS A 55 -27.41 -8.85 -9.78
CA CYS A 55 -27.87 -7.58 -10.31
C CYS A 55 -27.63 -6.43 -9.33
N GLU A 56 -27.74 -6.68 -8.01
CA GLU A 56 -27.44 -5.62 -7.04
C GLU A 56 -25.97 -5.23 -7.13
N ASP A 57 -25.09 -6.17 -7.39
CA ASP A 57 -23.72 -5.80 -7.70
C ASP A 57 -23.68 -4.87 -8.91
N ASP A 58 -24.15 -5.35 -10.07
CA ASP A 58 -24.00 -4.59 -11.31
C ASP A 58 -24.60 -3.21 -11.17
N LEU A 59 -25.80 -3.13 -10.62
CA LEU A 59 -26.39 -1.81 -10.40
C LEU A 59 -25.42 -0.95 -9.62
N ALA A 60 -24.72 -1.54 -8.66
CA ALA A 60 -23.86 -0.74 -7.81
C ALA A 60 -22.63 -0.26 -8.56
N GLU A 61 -22.20 -1.00 -9.58
CA GLU A 61 -21.10 -0.52 -10.41
C GLU A 61 -21.51 0.68 -11.27
N LYS A 62 -22.63 0.58 -11.96
CA LYS A 62 -23.10 1.71 -12.77
C LYS A 62 -23.47 2.91 -11.90
N ARG A 63 -24.20 2.67 -10.80
CA ARG A 63 -24.50 3.77 -9.89
C ARG A 63 -23.25 4.19 -9.11
N ARG A 64 -22.16 3.47 -9.20
CA ARG A 64 -20.95 3.78 -8.46
C ARG A 64 -21.34 4.16 -7.02
N SER A 65 -21.92 3.20 -6.32
CA SER A 65 -22.61 3.50 -5.06
C SER A 65 -22.34 2.42 -4.02
N ASN A 66 -21.70 2.83 -2.93
CA ASN A 66 -21.38 1.94 -1.82
C ASN A 66 -22.64 1.38 -1.17
N GLU A 67 -23.77 2.09 -1.28
CA GLU A 67 -25.01 1.64 -0.65
C GLU A 67 -25.67 0.52 -1.45
N VAL A 68 -25.82 0.69 -2.75
CA VAL A 68 -26.26 -0.43 -3.59
C VAL A 68 -25.41 -1.66 -3.25
N LEU A 69 -24.10 -1.50 -3.30
CA LEU A 69 -23.24 -2.62 -3.00
C LEU A 69 -23.57 -3.18 -1.63
N ARG A 70 -23.55 -2.31 -0.60
CA ARG A 70 -23.77 -2.77 0.77
C ARG A 70 -24.97 -3.69 0.84
N GLY A 71 -26.07 -3.33 0.18
CA GLY A 71 -27.29 -4.14 0.21
C GLY A 71 -27.19 -5.46 -0.57
N ALA A 72 -26.21 -5.58 -1.49
CA ALA A 72 -26.00 -6.84 -2.18
C ALA A 72 -25.17 -7.79 -1.35
N ILE A 73 -24.32 -7.24 -0.48
CA ILE A 73 -23.53 -8.07 0.41
C ILE A 73 -24.44 -8.83 1.35
N GLU A 74 -25.49 -8.17 1.81
CA GLU A 74 -26.49 -8.89 2.54
C GLU A 74 -27.08 -9.99 1.68
N THR A 75 -27.50 -9.68 0.47
CA THR A 75 -28.18 -10.69 -0.33
C THR A 75 -27.27 -11.89 -0.63
N TYR A 76 -25.98 -11.64 -0.86
CA TYR A 76 -25.08 -12.77 -1.02
C TYR A 76 -25.08 -13.64 0.24
N GLN A 77 -25.06 -13.01 1.42
CA GLN A 77 -25.18 -13.76 2.67
C GLN A 77 -26.47 -14.57 2.69
N GLU A 78 -27.58 -13.92 2.29
CA GLU A 78 -28.89 -14.54 2.40
C GLU A 78 -28.97 -15.79 1.57
N VAL A 79 -28.24 -15.87 0.45
CA VAL A 79 -28.25 -17.08 -0.38
C VAL A 79 -27.72 -18.25 0.43
N ALA A 80 -26.65 -18.03 1.17
CA ALA A 80 -26.04 -19.11 1.93
C ALA A 80 -26.77 -19.41 3.25
N SER A 81 -27.45 -18.45 3.82
CA SER A 81 -28.43 -18.80 4.84
C SER A 81 -29.51 -19.77 4.33
N LEU A 82 -29.70 -19.94 3.04
CA LEU A 82 -30.95 -20.62 2.68
C LEU A 82 -30.71 -22.07 2.36
N PRO A 83 -31.75 -22.89 2.47
CA PRO A 83 -31.56 -24.35 2.50
C PRO A 83 -31.25 -24.95 1.13
N ASP A 84 -30.64 -26.13 1.18
CA ASP A 84 -30.42 -26.89 -0.05
C ASP A 84 -29.68 -26.01 -1.07
N VAL A 85 -28.71 -25.32 -0.61
CA VAL A 85 -27.84 -24.44 -1.46
C VAL A 85 -26.69 -25.23 -1.99
N PRO A 86 -26.58 -25.53 -3.30
CA PRO A 86 -25.40 -26.19 -3.83
C PRO A 86 -24.10 -25.53 -3.40
N ALA A 87 -23.08 -26.37 -3.30
CA ALA A 87 -21.83 -25.93 -2.71
C ALA A 87 -21.15 -24.91 -3.59
N ASP A 88 -21.23 -25.10 -4.91
CA ASP A 88 -20.69 -24.11 -5.84
C ASP A 88 -21.29 -22.73 -5.59
N LEU A 89 -22.62 -22.64 -5.50
CA LEU A 89 -23.27 -21.36 -5.23
C LEU A 89 -22.92 -20.86 -3.84
N LEU A 90 -22.74 -21.78 -2.92
CA LEU A 90 -22.34 -21.37 -1.58
C LEU A 90 -20.99 -20.69 -1.58
N LYS A 91 -20.00 -21.35 -2.17
CA LYS A 91 -18.68 -20.78 -2.15
C LYS A 91 -18.66 -19.47 -2.92
N LEU A 92 -19.22 -19.48 -4.14
CA LEU A 92 -19.10 -18.31 -5.02
C LEU A 92 -19.80 -17.11 -4.42
N SER A 93 -20.98 -17.35 -3.85
CA SER A 93 -21.76 -16.31 -3.20
C SER A 93 -20.95 -15.69 -2.08
N LEU A 94 -20.37 -16.53 -1.22
CA LEU A 94 -19.68 -16.03 -0.04
C LEU A 94 -18.30 -15.44 -0.38
N LYS A 95 -17.58 -16.07 -1.31
CA LYS A 95 -16.36 -15.45 -1.83
C LYS A 95 -16.64 -14.05 -2.37
N ARG A 96 -17.68 -13.92 -3.22
CA ARG A 96 -18.09 -12.62 -3.73
C ARG A 96 -18.22 -11.62 -2.56
N ARG A 97 -18.94 -12.04 -1.55
CA ARG A 97 -19.20 -11.16 -0.43
C ARG A 97 -17.90 -10.61 0.18
N SER A 98 -17.00 -11.50 0.56
CA SER A 98 -15.75 -11.06 1.17
C SER A 98 -14.98 -10.15 0.22
N ASP A 99 -14.82 -10.55 -1.04
CA ASP A 99 -14.01 -9.76 -1.95
C ASP A 99 -14.62 -8.38 -2.17
N ARG A 100 -15.92 -8.25 -2.02
CA ARG A 100 -16.50 -6.92 -2.07
C ARG A 100 -16.29 -6.18 -0.74
N GLN A 101 -16.66 -6.82 0.37
CA GLN A 101 -16.42 -6.20 1.68
C GLN A 101 -15.02 -5.60 1.76
N GLN A 102 -14.02 -6.30 1.20
CA GLN A 102 -12.69 -5.74 1.15
C GLN A 102 -12.65 -4.47 0.33
N PHE A 103 -13.18 -4.51 -0.89
CA PHE A 103 -13.38 -3.30 -1.69
C PHE A 103 -13.85 -2.12 -0.85
N LEU A 104 -15.02 -2.26 -0.25
CA LEU A 104 -15.52 -1.23 0.62
C LEU A 104 -14.72 -1.08 1.89
N GLY A 105 -13.77 -1.98 2.16
CA GLY A 105 -12.82 -1.78 3.23
C GLY A 105 -13.30 -2.23 4.60
N HIS A 106 -14.43 -2.91 4.69
CA HIS A 106 -14.78 -3.56 5.94
C HIS A 106 -14.05 -4.92 6.03
N MET A 107 -12.77 -4.83 6.33
CA MET A 107 -11.96 -6.05 6.37
C MET A 107 -12.36 -6.95 7.53
N ARG A 108 -12.54 -6.38 8.71
CA ARG A 108 -13.07 -7.15 9.82
C ARG A 108 -14.22 -8.04 9.35
N GLY A 109 -15.17 -7.42 8.65
CA GLY A 109 -16.25 -8.19 8.07
C GLY A 109 -15.78 -9.24 7.10
N SER A 110 -14.99 -8.84 6.10
CA SER A 110 -14.48 -9.81 5.13
C SER A 110 -13.93 -11.05 5.83
N LEU A 111 -12.95 -10.87 6.68
CA LEU A 111 -12.34 -11.99 7.38
C LEU A 111 -13.35 -13.00 7.95
N LEU A 112 -14.39 -12.53 8.61
CA LEU A 112 -15.37 -13.45 9.18
C LEU A 112 -16.06 -14.27 8.08
N THR A 113 -16.43 -13.62 6.97
CA THR A 113 -16.95 -14.38 5.84
C THR A 113 -15.88 -15.36 5.36
N LEU A 114 -14.61 -14.90 5.37
CA LEU A 114 -13.50 -15.73 4.90
C LEU A 114 -13.23 -16.89 5.85
N GLN A 115 -13.38 -16.67 7.16
CA GLN A 115 -13.24 -17.82 8.05
C GLN A 115 -14.51 -18.67 8.05
N ARG A 116 -15.70 -18.09 7.98
CA ARG A 116 -16.82 -18.96 7.68
C ARG A 116 -16.45 -19.91 6.54
N LEU A 117 -15.76 -19.40 5.53
CA LEU A 117 -15.57 -20.16 4.29
C LEU A 117 -14.54 -21.29 4.43
N VAL A 118 -13.66 -21.22 5.43
CA VAL A 118 -12.69 -22.28 5.68
C VAL A 118 -13.30 -23.40 6.49
N GLN A 119 -14.05 -23.03 7.56
CA GLN A 119 -14.98 -23.95 8.21
C GLN A 119 -15.81 -24.75 7.18
N LEU A 120 -16.51 -24.06 6.29
CA LEU A 120 -17.38 -24.77 5.38
C LEU A 120 -16.62 -25.69 4.45
N PHE A 121 -15.44 -25.28 3.99
CA PHE A 121 -14.63 -26.11 3.09
C PHE A 121 -13.21 -26.13 3.63
N PRO A 122 -12.91 -27.07 4.52
CA PRO A 122 -11.57 -27.15 5.10
C PRO A 122 -10.58 -27.78 4.13
N ASN A 123 -11.03 -28.43 3.07
CA ASN A 123 -10.10 -29.04 2.12
C ASN A 123 -9.82 -28.14 0.93
N ASP A 124 -10.14 -26.85 1.04
CA ASP A 124 -9.85 -25.88 0.00
C ASP A 124 -8.61 -25.12 0.41
N THR A 125 -7.50 -25.37 -0.29
CA THR A 125 -6.28 -24.61 -0.03
C THR A 125 -6.40 -23.20 -0.61
N SER A 126 -7.16 -23.06 -1.69
CA SER A 126 -7.33 -21.76 -2.30
C SER A 126 -8.06 -20.80 -1.38
N LEU A 127 -8.93 -21.31 -0.52
CA LEU A 127 -9.69 -20.45 0.38
C LEU A 127 -8.91 -20.06 1.64
N LYS A 128 -8.11 -20.98 2.20
CA LYS A 128 -7.09 -20.65 3.19
C LYS A 128 -6.18 -19.54 2.65
N ASN A 129 -5.67 -19.74 1.45
CA ASN A 129 -4.87 -18.73 0.84
C ASN A 129 -5.54 -17.37 0.91
N ASP A 130 -6.82 -17.33 0.53
CA ASP A 130 -7.56 -16.08 0.51
C ASP A 130 -7.72 -15.55 1.92
N LEU A 131 -7.88 -16.42 2.90
CA LEU A 131 -8.02 -15.93 4.26
C LEU A 131 -6.73 -15.31 4.72
N GLY A 132 -5.62 -15.96 4.42
CA GLY A 132 -4.32 -15.37 4.73
C GLY A 132 -4.24 -13.94 4.27
N VAL A 133 -4.78 -13.67 3.08
CA VAL A 133 -4.83 -12.29 2.58
C VAL A 133 -5.70 -11.41 3.45
N GLY A 134 -6.85 -11.92 3.90
CA GLY A 134 -7.68 -11.13 4.79
C GLY A 134 -6.92 -10.68 6.02
N TYR A 135 -6.08 -11.55 6.56
CA TYR A 135 -5.25 -11.22 7.71
C TYR A 135 -4.21 -10.13 7.39
N LEU A 136 -3.50 -10.25 6.27
CA LEU A 136 -2.51 -9.23 5.91
C LEU A 136 -3.16 -7.86 5.75
N LEU A 137 -4.38 -7.80 5.18
CA LEU A 137 -4.96 -6.50 4.85
C LEU A 137 -5.33 -5.72 6.10
N ILE A 138 -5.53 -6.39 7.23
CA ILE A 138 -5.69 -5.70 8.53
C ILE A 138 -4.40 -5.73 9.37
N GLY A 139 -3.24 -6.01 8.76
CA GLY A 139 -1.96 -5.99 9.47
C GLY A 139 -1.67 -7.18 10.39
N ASP A 140 -2.57 -8.17 10.50
CA ASP A 140 -2.42 -9.29 11.42
C ASP A 140 -1.45 -10.31 10.83
N ASN A 141 -0.17 -10.00 10.91
CA ASN A 141 0.78 -10.84 10.22
C ASN A 141 0.89 -12.24 10.81
N ASP A 142 0.73 -12.39 12.13
CA ASP A 142 1.05 -13.67 12.73
C ASP A 142 0.00 -14.71 12.38
N ASN A 143 -1.25 -14.29 12.25
CA ASN A 143 -2.26 -15.24 11.79
C ASN A 143 -2.08 -15.51 10.31
N ALA A 144 -1.69 -14.50 9.54
CA ALA A 144 -1.42 -14.76 8.14
C ALA A 144 -0.34 -15.82 8.03
N LYS A 145 0.64 -15.78 8.94
CA LYS A 145 1.76 -16.71 8.80
C LYS A 145 1.30 -18.12 9.10
N LYS A 146 0.33 -18.25 9.99
CA LYS A 146 -0.17 -19.58 10.30
C LYS A 146 -0.90 -20.17 9.10
N VAL A 147 -1.80 -19.41 8.48
CA VAL A 147 -2.58 -19.90 7.35
C VAL A 147 -1.65 -20.50 6.31
N TYR A 148 -0.61 -19.72 5.96
CA TYR A 148 0.25 -20.11 4.85
C TYR A 148 1.15 -21.28 5.23
N GLU A 149 1.66 -21.31 6.46
CA GLU A 149 2.42 -22.48 6.89
C GLU A 149 1.58 -23.76 6.82
N GLU A 150 0.31 -23.68 7.23
CA GLU A 150 -0.62 -24.80 7.09
C GLU A 150 -0.86 -25.15 5.62
N VAL A 151 -1.20 -24.17 4.77
CA VAL A 151 -1.33 -24.45 3.35
C VAL A 151 -0.08 -25.16 2.84
N LEU A 152 1.10 -24.60 3.15
CA LEU A 152 2.32 -25.14 2.54
C LEU A 152 2.68 -26.50 3.11
N SER A 153 2.23 -26.78 4.33
CA SER A 153 2.46 -28.11 4.86
C SER A 153 1.79 -29.16 3.99
N VAL A 154 0.69 -28.83 3.32
CA VAL A 154 -0.14 -29.82 2.61
C VAL A 154 0.06 -29.74 1.10
N THR A 155 0.21 -28.53 0.57
CA THR A 155 0.55 -28.28 -0.82
C THR A 155 1.82 -27.43 -0.74
N PRO A 156 2.99 -28.06 -0.57
CA PRO A 156 4.20 -27.29 -0.25
C PRO A 156 4.67 -26.41 -1.39
N ASN A 157 4.06 -26.52 -2.55
CA ASN A 157 4.46 -25.73 -3.70
C ASN A 157 3.40 -24.72 -4.12
N ASP A 158 2.43 -24.40 -3.24
CA ASP A 158 1.45 -23.40 -3.58
C ASP A 158 2.24 -22.13 -3.93
N GLY A 159 2.34 -21.82 -5.23
CA GLY A 159 3.09 -20.64 -5.62
C GLY A 159 2.68 -19.40 -4.86
N PHE A 160 1.40 -19.32 -4.49
CA PHE A 160 0.79 -18.12 -3.94
C PHE A 160 1.02 -18.03 -2.44
N ALA A 161 1.02 -19.18 -1.78
CA ALA A 161 1.36 -19.17 -0.37
C ALA A 161 2.84 -18.89 -0.17
N LYS A 162 3.65 -19.17 -1.18
CA LYS A 162 5.07 -18.91 -1.05
C LYS A 162 5.42 -17.41 -1.12
N VAL A 163 5.01 -16.68 -2.18
CA VAL A 163 5.26 -15.24 -2.19
C VAL A 163 4.72 -14.62 -0.91
N HIS A 164 3.56 -15.08 -0.46
CA HIS A 164 2.96 -14.49 0.73
C HIS A 164 3.70 -14.92 1.97
N TYR A 165 4.16 -16.16 2.00
CA TYR A 165 4.98 -16.57 3.12
C TYR A 165 6.30 -15.79 3.10
N GLY A 166 6.93 -15.74 1.93
CA GLY A 166 8.13 -14.93 1.81
C GLY A 166 7.87 -13.48 2.14
N PHE A 167 6.72 -12.95 1.72
CA PHE A 167 6.40 -11.59 2.11
C PHE A 167 6.44 -11.43 3.62
N ILE A 168 5.85 -12.39 4.34
CA ILE A 168 5.68 -12.23 5.78
C ILE A 168 7.02 -12.38 6.51
N LEU A 169 7.86 -13.27 6.06
CA LEU A 169 9.15 -13.41 6.73
C LEU A 169 10.09 -12.24 6.44
N LYS A 170 10.07 -11.73 5.21
CA LYS A 170 10.84 -10.53 4.98
C LYS A 170 10.40 -9.45 5.96
N ALA A 171 9.10 -9.35 6.19
CA ALA A 171 8.57 -8.27 7.02
C ALA A 171 9.11 -8.34 8.41
N GLN A 172 9.39 -9.56 8.90
CA GLN A 172 10.01 -9.79 10.20
C GLN A 172 11.54 -9.77 10.13
N ASN A 173 12.09 -9.23 9.05
CA ASN A 173 13.54 -9.17 8.91
C ASN A 173 14.18 -10.57 8.89
N LYS A 174 13.46 -11.59 8.47
CA LYS A 174 14.05 -12.91 8.21
C LYS A 174 14.58 -12.92 6.78
N ILE A 175 15.45 -11.96 6.54
CA ILE A 175 15.86 -11.65 5.17
C ILE A 175 16.43 -12.88 4.49
N ALA A 176 17.17 -13.68 5.25
CA ALA A 176 17.82 -14.82 4.64
C ALA A 176 16.80 -15.82 4.15
N GLU A 177 15.81 -16.07 4.97
CA GLU A 177 14.83 -17.11 4.70
C GLU A 177 13.80 -16.71 3.67
N SER A 178 13.42 -15.43 3.59
CA SER A 178 12.37 -15.01 2.67
C SER A 178 12.75 -15.21 1.22
N ILE A 179 14.04 -15.21 0.91
CA ILE A 179 14.50 -15.18 -0.48
C ILE A 179 14.00 -16.41 -1.25
N PRO A 180 14.29 -17.62 -0.79
CA PRO A 180 13.86 -18.81 -1.56
C PRO A 180 12.36 -18.91 -1.76
N TYR A 181 11.56 -18.44 -0.80
CA TYR A 181 10.11 -18.39 -0.96
C TYR A 181 9.72 -17.37 -2.04
N LEU A 182 10.18 -16.13 -1.90
CA LEU A 182 9.90 -15.14 -2.92
C LEU A 182 10.36 -15.65 -4.29
N LYS A 183 11.61 -16.11 -4.39
CA LYS A 183 12.09 -16.51 -5.71
C LYS A 183 11.21 -17.64 -6.27
N GLU A 184 11.15 -18.78 -5.55
CA GLU A 184 10.34 -19.92 -5.98
C GLU A 184 8.89 -19.51 -6.22
N GLY A 185 8.29 -18.82 -5.26
CA GLY A 185 6.92 -18.37 -5.44
C GLY A 185 6.73 -17.53 -6.69
N ILE A 186 7.77 -16.81 -7.15
CA ILE A 186 7.61 -15.97 -8.34
C ILE A 186 7.72 -16.82 -9.60
N GLU A 187 8.71 -17.70 -9.63
CA GLU A 187 8.91 -18.49 -10.82
C GLU A 187 7.75 -19.44 -11.03
N SER A 188 7.02 -19.74 -9.97
CA SER A 188 5.93 -20.68 -10.12
C SER A 188 4.97 -20.21 -11.22
N GLY A 189 4.76 -18.92 -11.33
CA GLY A 189 3.70 -18.50 -12.21
C GLY A 189 2.27 -18.85 -11.81
N ASP A 190 2.05 -19.50 -10.64
CA ASP A 190 0.68 -19.67 -10.15
C ASP A 190 0.01 -18.32 -10.24
N PRO A 191 -1.32 -18.27 -10.28
CA PRO A 191 -2.01 -17.00 -10.49
C PRO A 191 -2.01 -16.21 -9.16
N GLY A 192 -1.41 -15.03 -9.19
CA GLY A 192 -1.18 -14.28 -7.96
C GLY A 192 0.29 -14.00 -7.68
N THR A 193 1.19 -14.71 -8.31
CA THR A 193 2.59 -14.50 -8.00
C THR A 193 3.12 -13.22 -8.64
N ASP A 194 2.53 -12.77 -9.73
CA ASP A 194 3.18 -11.73 -10.54
C ASP A 194 2.75 -10.34 -10.07
N ASP A 195 3.04 -10.05 -8.81
CA ASP A 195 2.81 -8.74 -8.23
C ASP A 195 4.19 -8.09 -8.09
N GLY A 196 4.23 -6.80 -8.36
CA GLY A 196 5.45 -6.06 -8.14
C GLY A 196 5.86 -6.04 -6.71
N ARG A 197 4.93 -6.26 -5.79
CA ARG A 197 5.30 -6.22 -4.37
C ARG A 197 6.40 -7.24 -4.07
N PHE A 198 6.26 -8.49 -4.57
CA PHE A 198 7.22 -9.55 -4.27
C PHE A 198 8.50 -9.37 -5.06
N TYR A 199 8.36 -8.84 -6.28
CA TYR A 199 9.54 -8.39 -7.01
C TYR A 199 10.33 -7.36 -6.19
N PHE A 200 9.68 -6.22 -5.81
CA PHE A 200 10.33 -5.22 -4.95
C PHE A 200 11.05 -5.86 -3.76
N HIS A 201 10.34 -6.73 -3.03
CA HIS A 201 10.85 -7.20 -1.76
C HIS A 201 11.93 -8.29 -1.95
N LEU A 202 11.83 -9.15 -2.96
CA LEU A 202 12.93 -10.09 -3.14
C LEU A 202 14.25 -9.36 -3.49
N GLY A 203 14.22 -8.45 -4.45
CA GLY A 203 15.47 -7.83 -4.82
C GLY A 203 16.06 -7.04 -3.66
N ASP A 204 15.21 -6.44 -2.84
CA ASP A 204 15.68 -5.78 -1.63
C ASP A 204 16.36 -6.79 -0.72
N ALA A 205 15.68 -7.90 -0.41
CA ALA A 205 16.28 -8.93 0.46
C ALA A 205 17.65 -9.38 -0.05
N MET A 206 17.75 -9.65 -1.34
CA MET A 206 19.04 -10.10 -1.84
C MET A 206 20.08 -9.00 -1.75
N GLN A 207 19.66 -7.73 -1.86
CA GLN A 207 20.60 -6.62 -1.67
C GLN A 207 21.15 -6.59 -0.24
N ARG A 208 20.28 -6.73 0.76
CA ARG A 208 20.70 -6.66 2.16
C ARG A 208 21.55 -7.84 2.60
N VAL A 209 21.65 -8.89 1.79
CA VAL A 209 22.54 -10.01 2.10
C VAL A 209 23.72 -10.04 1.19
N GLY A 210 23.75 -9.19 0.15
CA GLY A 210 24.89 -9.06 -0.73
C GLY A 210 24.74 -9.73 -2.08
N ASN A 211 23.78 -10.62 -2.24
CA ASN A 211 23.46 -11.28 -3.51
C ASN A 211 23.48 -10.33 -4.70
N LYS A 212 24.48 -10.48 -5.60
CA LYS A 212 24.53 -9.63 -6.80
C LYS A 212 23.35 -9.87 -7.76
N GLU A 213 22.73 -11.04 -7.72
CA GLU A 213 21.60 -11.37 -8.59
C GLU A 213 20.39 -10.43 -8.40
N ALA A 214 20.43 -9.54 -7.40
CA ALA A 214 19.21 -8.78 -7.09
C ALA A 214 18.78 -7.85 -8.23
N TYR A 215 19.71 -7.45 -9.09
CA TYR A 215 19.37 -6.57 -10.20
C TYR A 215 18.96 -7.36 -11.45
N LYS A 216 19.34 -8.63 -11.56
CA LYS A 216 18.68 -9.39 -12.59
C LYS A 216 17.17 -9.42 -12.37
N TRP A 217 16.71 -9.40 -11.12
CA TRP A 217 15.27 -9.43 -10.89
C TRP A 217 14.62 -8.05 -11.00
N TYR A 218 15.38 -6.96 -10.82
CA TYR A 218 14.79 -5.66 -11.04
C TYR A 218 14.60 -5.40 -12.54
N GLU A 219 15.54 -5.86 -13.40
CA GLU A 219 15.31 -5.81 -14.85
C GLU A 219 14.03 -6.57 -15.20
N LEU A 220 13.87 -7.75 -14.60
CA LEU A 220 12.72 -8.59 -14.84
C LEU A 220 11.42 -7.89 -14.43
N GLY A 221 11.36 -7.44 -13.18
CA GLY A 221 10.13 -6.83 -12.69
C GLY A 221 9.77 -5.62 -13.51
N HIS A 222 10.79 -4.95 -14.05
CA HIS A 222 10.53 -3.89 -15.02
C HIS A 222 9.99 -4.49 -16.30
N LYS A 223 10.61 -5.57 -16.77
CA LYS A 223 10.26 -6.10 -18.06
C LYS A 223 8.95 -6.85 -18.03
N ARG A 224 8.47 -7.27 -16.84
CA ARG A 224 7.05 -7.62 -16.67
C ARG A 224 6.20 -6.38 -16.52
N GLY A 225 6.84 -5.23 -16.27
CA GLY A 225 6.16 -3.95 -16.25
C GLY A 225 5.66 -3.47 -14.90
N HIS A 226 6.25 -3.94 -13.78
CA HIS A 226 5.89 -3.51 -12.42
C HIS A 226 6.64 -2.27 -11.98
N PHE A 227 7.90 -2.17 -12.41
CA PHE A 227 8.76 -1.07 -12.06
C PHE A 227 8.96 -0.16 -13.26
N ALA A 228 9.00 1.16 -12.99
CA ALA A 228 9.30 2.10 -14.07
C ALA A 228 10.67 1.85 -14.64
N SER A 229 11.62 1.45 -13.81
CA SER A 229 12.97 1.12 -14.23
C SER A 229 13.67 0.43 -13.08
N VAL A 230 14.81 -0.20 -13.37
CA VAL A 230 15.49 -0.98 -12.33
C VAL A 230 15.94 -0.10 -11.18
N TRP A 231 16.10 1.19 -11.44
CA TRP A 231 16.40 2.18 -10.43
C TRP A 231 15.14 2.72 -9.72
N GLN A 232 14.00 2.79 -10.43
CA GLN A 232 12.81 3.52 -9.98
C GLN A 232 11.66 2.54 -9.78
N ARG A 233 11.50 2.03 -8.56
CA ARG A 233 10.60 0.92 -8.33
C ARG A 233 9.48 1.25 -7.36
N SER A 234 9.14 2.53 -7.13
CA SER A 234 7.86 2.86 -6.49
C SER A 234 6.74 2.09 -7.17
N LEU A 235 5.63 1.88 -6.46
CA LEU A 235 4.50 1.17 -7.06
C LEU A 235 3.17 1.90 -6.97
N TYR A 236 3.10 3.03 -6.27
CA TYR A 236 1.90 3.86 -6.13
C TYR A 236 2.16 5.13 -6.96
N ASN A 237 1.87 5.05 -8.25
CA ASN A 237 2.33 6.06 -9.19
C ASN A 237 1.18 6.68 -10.01
N VAL A 238 1.54 7.71 -10.75
CA VAL A 238 0.80 8.13 -11.92
C VAL A 238 1.76 7.96 -13.08
N ASN A 239 1.37 7.14 -14.04
CA ASN A 239 2.17 7.01 -15.26
C ASN A 239 2.21 8.40 -15.88
N GLY A 240 3.39 8.85 -16.29
CA GLY A 240 3.53 10.12 -16.97
C GLY A 240 4.64 11.00 -16.45
N LEU A 241 4.82 10.99 -15.15
CA LEU A 241 5.54 12.06 -14.49
C LEU A 241 7.03 12.04 -14.82
N LYS A 242 7.64 13.23 -14.86
CA LYS A 242 9.05 13.34 -15.22
C LYS A 242 9.86 12.63 -14.16
N ALA A 243 10.84 11.82 -14.59
CA ALA A 243 11.52 10.88 -13.71
C ALA A 243 13.05 10.97 -13.81
N GLN A 244 13.62 11.65 -12.81
CA GLN A 244 15.03 11.82 -12.66
C GLN A 244 15.36 11.69 -11.16
N PRO A 245 16.52 11.13 -10.81
CA PRO A 245 16.84 11.05 -9.36
C PRO A 245 17.05 12.41 -8.71
N TRP A 246 17.70 13.32 -9.43
CA TRP A 246 18.06 14.64 -8.91
C TRP A 246 17.42 15.83 -9.63
N TRP A 247 16.83 16.74 -8.85
CA TRP A 247 16.25 17.98 -9.34
C TRP A 247 17.00 19.20 -8.84
N THR A 248 16.70 20.35 -9.41
CA THR A 248 17.16 21.68 -9.06
C THR A 248 15.98 22.51 -8.61
N PRO A 249 16.11 23.41 -7.65
CA PRO A 249 14.97 24.27 -7.33
C PRO A 249 14.22 24.78 -8.56
N LYS A 250 14.95 25.29 -9.57
CA LYS A 250 14.27 25.82 -10.75
C LYS A 250 13.46 24.73 -11.45
N GLU A 251 14.06 23.52 -11.66
CA GLU A 251 13.36 22.46 -12.38
C GLU A 251 12.00 22.14 -11.76
N THR A 252 11.85 22.35 -10.46
CA THR A 252 10.63 21.96 -9.78
C THR A 252 9.57 23.05 -9.79
N GLY A 253 9.91 24.28 -10.15
CA GLY A 253 8.93 25.36 -10.07
C GLY A 253 8.42 25.66 -8.68
N TYR A 254 9.12 25.21 -7.64
CA TYR A 254 8.92 25.64 -6.25
C TYR A 254 10.06 26.54 -5.78
N THR A 255 10.40 27.52 -6.61
CA THR A 255 11.55 28.34 -6.29
C THR A 255 11.29 29.17 -5.05
N GLU A 256 10.03 29.46 -4.77
CA GLU A 256 9.73 30.28 -3.61
C GLU A 256 9.92 29.48 -2.32
N LEU A 257 9.39 28.25 -2.28
CA LEU A 257 9.48 27.45 -1.07
C LEU A 257 10.94 27.26 -0.69
N VAL A 258 11.78 27.00 -1.69
CA VAL A 258 13.19 26.75 -1.43
C VAL A 258 13.77 27.97 -0.81
N LYS A 259 13.28 29.15 -1.20
CA LYS A 259 13.80 30.41 -0.72
C LYS A 259 13.36 30.67 0.71
N SER A 260 12.06 30.57 0.98
CA SER A 260 11.63 30.77 2.37
C SER A 260 12.33 29.77 3.29
N LEU A 261 12.77 28.62 2.79
CA LEU A 261 13.58 27.67 3.58
C LEU A 261 15.05 28.11 3.70
N GLU A 262 15.73 28.30 2.54
CA GLU A 262 17.18 28.60 2.58
C GLU A 262 17.48 29.94 3.29
N ARG A 263 16.55 30.87 3.38
CA ARG A 263 16.80 32.11 4.08
C ARG A 263 16.34 32.09 5.54
N ASN A 264 15.57 31.11 5.94
CA ASN A 264 15.09 31.02 7.31
C ASN A 264 15.63 29.76 7.95
N TRP A 265 16.81 29.30 7.48
CA TRP A 265 17.34 28.00 7.92
C TRP A 265 17.82 27.99 9.36
N LYS A 266 18.42 29.06 9.88
CA LYS A 266 18.82 29.02 11.28
C LYS A 266 17.63 28.83 12.22
N LEU A 267 16.47 29.44 11.92
CA LEU A 267 15.33 29.31 12.82
C LEU A 267 14.86 27.87 12.80
N ILE A 268 14.59 27.36 11.62
CA ILE A 268 14.30 25.94 11.46
C ILE A 268 15.25 25.07 12.30
N ARG A 269 16.54 25.31 12.16
CA ARG A 269 17.49 24.54 12.95
C ARG A 269 17.23 24.79 14.43
N ASP A 270 17.32 26.04 14.85
CA ASP A 270 17.21 26.34 16.27
C ASP A 270 15.97 25.71 16.88
N GLU A 271 14.87 25.60 16.12
CA GLU A 271 13.68 25.05 16.76
C GLU A 271 13.82 23.56 16.95
N GLY A 272 14.49 22.90 16.00
CA GLY A 272 14.72 21.48 16.12
C GLY A 272 15.84 21.16 17.10
N LEU A 273 16.92 21.94 17.11
CA LEU A 273 17.86 21.76 18.23
C LEU A 273 17.14 21.89 19.57
N ALA A 274 16.13 22.77 19.64
CA ALA A 274 15.50 23.04 20.92
C ALA A 274 14.70 21.87 21.36
N VAL A 275 14.04 21.23 20.39
CA VAL A 275 13.28 20.03 20.66
C VAL A 275 14.22 18.91 21.07
N MET A 276 15.40 18.85 20.44
CA MET A 276 16.38 17.84 20.84
C MET A 276 16.84 18.04 22.29
N ASP A 277 17.02 19.30 22.71
CA ASP A 277 17.54 19.60 24.03
C ASP A 277 16.50 19.52 25.13
N LYS A 278 15.23 19.63 24.78
CA LYS A 278 14.20 19.85 25.77
C LYS A 278 12.93 19.04 25.52
N ALA A 279 12.75 18.43 24.35
CA ALA A 279 11.56 17.66 24.12
C ALA A 279 11.88 16.43 23.29
N LYS A 280 12.99 15.74 23.66
CA LYS A 280 13.56 14.71 22.80
C LYS A 280 12.55 13.60 22.53
N GLY A 281 11.52 13.49 23.38
CA GLY A 281 10.44 12.54 23.15
C GLY A 281 9.71 12.69 21.83
N LEU A 282 9.68 13.89 21.27
CA LEU A 282 8.94 14.12 20.04
C LEU A 282 9.64 13.49 18.86
N PHE A 283 10.96 13.24 18.99
CA PHE A 283 11.72 12.55 17.96
C PHE A 283 11.49 11.06 18.14
N LEU A 284 11.09 10.36 17.07
CA LEU A 284 10.78 8.95 17.20
C LEU A 284 11.67 8.09 16.34
N PRO A 285 12.04 6.91 16.85
CA PRO A 285 12.87 5.99 16.06
C PRO A 285 12.18 5.59 14.77
N GLU A 286 13.00 5.45 13.71
CA GLU A 286 12.57 4.95 12.41
C GLU A 286 12.15 3.51 12.59
N ASP A 287 10.91 3.23 12.20
CA ASP A 287 10.22 1.96 12.45
C ASP A 287 9.82 1.27 11.17
N GLU A 288 10.49 1.54 10.06
CA GLU A 288 10.20 0.87 8.81
C GLU A 288 11.28 -0.11 8.37
N ASN A 289 12.19 -0.50 9.26
CA ASN A 289 13.19 -1.56 9.05
C ASN A 289 14.22 -1.18 8.01
N LEU A 290 14.42 0.10 7.79
CA LEU A 290 15.36 0.59 6.80
C LEU A 290 16.85 0.66 7.20
N ARG A 291 17.25 0.29 8.42
CA ARG A 291 18.61 0.50 8.89
C ARG A 291 19.34 -0.82 9.02
N GLU A 292 20.48 -0.91 8.36
CA GLU A 292 21.41 -1.95 8.78
C GLU A 292 21.79 -1.73 10.23
N LYS A 293 22.19 -0.50 10.58
CA LYS A 293 22.79 -0.22 11.87
C LYS A 293 22.73 1.26 12.16
N GLY A 294 22.61 1.60 13.43
CA GLY A 294 22.81 2.98 13.85
C GLY A 294 21.52 3.61 14.34
N ASP A 295 21.62 4.89 14.71
CA ASP A 295 20.51 5.64 15.28
C ASP A 295 20.02 6.75 14.37
N TRP A 296 18.72 6.75 14.12
CA TRP A 296 18.02 7.65 13.21
C TRP A 296 16.61 7.78 13.77
N SER A 297 16.26 8.97 14.31
CA SER A 297 14.98 9.37 14.89
C SER A 297 14.39 10.55 14.12
N GLN A 298 13.07 10.75 14.18
CA GLN A 298 12.42 11.75 13.33
C GLN A 298 11.30 12.50 14.06
N PHE A 299 11.20 13.83 13.82
CA PHE A 299 10.22 14.72 14.47
C PHE A 299 9.32 15.27 13.36
N THR A 300 8.09 14.74 13.27
CA THR A 300 7.21 14.99 12.13
C THR A 300 6.19 16.10 12.42
N LEU A 301 6.12 17.08 11.53
CA LEU A 301 5.20 18.20 11.71
C LEU A 301 3.91 18.08 10.88
N TRP A 302 4.02 17.56 9.63
CA TRP A 302 2.89 17.20 8.77
C TRP A 302 3.04 15.75 8.33
N GLN A 303 1.92 15.03 8.24
CA GLN A 303 1.94 13.73 7.57
C GLN A 303 0.63 13.58 6.81
N GLN A 304 0.72 12.94 5.65
CA GLN A 304 -0.37 12.81 4.69
C GLN A 304 -1.13 14.12 4.60
N GLY A 305 -0.34 15.21 4.51
CA GLY A 305 -0.83 16.53 4.21
C GLY A 305 -1.61 17.12 5.35
N ARG A 306 -1.69 16.44 6.49
CA ARG A 306 -2.37 16.92 7.69
C ARG A 306 -1.33 17.28 8.74
N ARG A 307 -1.55 18.43 9.39
CA ARG A 307 -0.60 18.98 10.37
C ARG A 307 -0.81 18.37 11.75
N ASN A 308 0.30 18.18 12.48
CA ASN A 308 0.27 17.60 13.81
C ASN A 308 0.33 18.73 14.83
N GLU A 309 -0.76 18.92 15.58
CA GLU A 309 -0.80 20.16 16.36
C GLU A 309 0.23 20.12 17.49
N ASN A 310 0.33 18.99 18.18
CA ASN A 310 1.28 18.92 19.28
C ASN A 310 2.70 19.11 18.76
N ALA A 311 3.02 18.50 17.64
CA ALA A 311 4.39 18.62 17.14
C ALA A 311 4.71 20.08 16.85
N CYS A 312 3.67 20.81 16.37
CA CYS A 312 3.87 22.19 15.97
C CYS A 312 3.85 23.19 17.11
N LYS A 313 3.40 22.80 18.31
CA LYS A 313 3.76 23.53 19.53
C LYS A 313 5.26 23.53 19.80
N GLY A 314 6.02 22.63 19.19
CA GLY A 314 7.42 22.48 19.49
C GLY A 314 8.39 23.14 18.52
N ALA A 315 7.98 23.33 17.27
CA ALA A 315 8.73 24.11 16.28
C ALA A 315 7.75 25.11 15.69
N PRO A 316 7.23 26.01 16.53
CA PRO A 316 6.03 26.76 16.13
C PRO A 316 6.26 27.81 15.05
N LYS A 317 7.37 28.55 15.09
CA LYS A 317 7.62 29.49 14.00
C LYS A 317 7.80 28.76 12.68
N THR A 318 8.34 27.53 12.72
CA THR A 318 8.55 26.78 11.49
C THR A 318 7.22 26.34 10.89
N CYS A 319 6.30 25.89 11.74
CA CYS A 319 4.98 25.51 11.20
C CYS A 319 4.29 26.75 10.60
N THR A 320 4.40 27.93 11.22
CA THR A 320 3.79 29.13 10.59
C THR A 320 4.42 29.42 9.24
N LEU A 321 5.75 29.34 9.16
CA LEU A 321 6.41 29.74 7.92
C LEU A 321 6.09 28.79 6.78
N LEU A 322 5.77 27.54 7.09
CA LEU A 322 5.51 26.58 6.06
C LEU A 322 4.06 26.58 5.60
N GLU A 323 3.14 27.04 6.46
CA GLU A 323 1.73 27.17 6.13
C GLU A 323 1.54 28.04 4.90
N LYS A 324 2.59 28.76 4.49
CA LYS A 324 2.54 29.55 3.29
C LYS A 324 2.52 28.68 2.03
N PHE A 325 2.84 27.39 2.13
CA PHE A 325 3.11 26.60 0.92
C PHE A 325 2.33 25.29 0.89
N PRO A 326 1.18 25.29 0.20
CA PRO A 326 0.34 24.09 0.18
C PRO A 326 0.88 22.99 -0.70
N GLU A 327 1.81 23.33 -1.60
CA GLU A 327 2.48 22.31 -2.39
C GLU A 327 3.18 21.28 -1.48
N THR A 328 3.53 21.66 -0.26
CA THR A 328 4.09 20.67 0.65
C THR A 328 3.17 20.39 1.84
N THR A 329 2.61 21.42 2.49
CA THR A 329 1.74 21.12 3.63
C THR A 329 0.58 20.25 3.18
N GLY A 330 0.13 20.40 1.94
CA GLY A 330 -0.92 19.57 1.34
C GLY A 330 -0.50 18.30 0.59
N CYS A 331 0.75 17.88 0.66
CA CYS A 331 1.12 16.70 -0.09
C CYS A 331 0.54 15.58 0.73
N ARG A 332 -0.59 15.01 0.29
CA ARG A 332 -1.18 13.93 1.08
C ARG A 332 -0.42 12.62 0.88
N ARG A 333 0.63 12.67 0.05
CA ARG A 333 1.54 11.57 -0.23
C ARG A 333 2.94 11.84 0.30
N GLY A 334 3.07 12.68 1.31
CA GLY A 334 4.38 13.10 1.79
C GLY A 334 4.33 13.54 3.24
N GLN A 335 5.52 13.78 3.80
CA GLN A 335 5.71 14.23 5.17
C GLN A 335 6.52 15.54 5.19
N ILE A 336 6.59 16.17 6.36
CA ILE A 336 7.52 17.25 6.63
C ILE A 336 8.06 17.00 8.03
N LYS A 337 9.37 16.85 8.16
CA LYS A 337 9.91 16.38 9.43
C LYS A 337 11.40 16.59 9.54
N TYR A 338 11.84 16.89 10.78
CA TYR A 338 13.25 16.84 11.09
C TYR A 338 13.71 15.37 11.09
N SER A 339 14.98 15.15 10.80
CA SER A 339 15.49 13.78 10.76
C SER A 339 16.93 13.80 11.25
N ILE A 340 17.16 13.27 12.44
CA ILE A 340 18.44 13.39 13.12
C ILE A 340 19.06 12.04 12.93
N MET A 341 20.31 11.99 12.46
CA MET A 341 21.01 10.71 12.19
C MET A 341 22.41 10.70 12.74
N HIS A 342 22.73 9.66 13.47
CA HIS A 342 23.96 9.59 14.26
C HIS A 342 25.04 8.70 13.63
N PRO A 343 26.28 8.88 14.07
CA PRO A 343 27.37 8.10 13.48
C PRO A 343 27.12 6.63 13.70
N GLY A 344 27.66 5.86 12.76
CA GLY A 344 27.58 4.42 12.77
C GLY A 344 26.45 3.91 11.92
N THR A 345 25.80 4.81 11.19
CA THR A 345 24.53 4.52 10.55
C THR A 345 24.71 4.29 9.06
N HIS A 346 24.06 3.25 8.58
CA HIS A 346 24.00 2.95 7.16
C HIS A 346 22.58 2.57 6.82
N VAL A 347 21.93 3.31 5.95
CA VAL A 347 20.54 3.03 5.62
C VAL A 347 20.54 2.19 4.36
N TRP A 348 20.03 1.03 4.45
CA TRP A 348 19.89 0.16 3.31
C TRP A 348 19.37 0.88 2.10
N PRO A 349 19.87 0.53 0.90
CA PRO A 349 19.16 0.89 -0.34
C PRO A 349 17.68 0.67 -0.16
N HIS A 350 16.89 1.61 -0.61
CA HIS A 350 15.46 1.44 -0.52
C HIS A 350 14.82 2.47 -1.45
N THR A 351 13.47 2.37 -1.59
CA THR A 351 12.57 3.19 -2.38
C THR A 351 11.39 3.67 -1.53
N GLY A 352 10.86 4.84 -1.86
CA GLY A 352 9.63 5.24 -1.28
C GLY A 352 8.52 4.54 -2.06
N PRO A 353 7.26 4.84 -1.64
CA PRO A 353 6.14 4.08 -2.20
C PRO A 353 5.62 4.77 -3.48
N THR A 354 5.96 6.01 -3.69
CA THR A 354 5.22 6.76 -4.66
C THR A 354 6.11 7.67 -5.49
N ASN A 355 5.80 7.78 -6.76
CA ASN A 355 6.52 8.73 -7.63
C ASN A 355 5.94 10.16 -7.50
N CYS A 356 4.80 10.26 -6.75
CA CYS A 356 3.87 11.42 -6.82
C CYS A 356 4.44 12.56 -6.00
N ARG A 357 5.66 12.38 -5.48
CA ARG A 357 6.28 13.36 -4.59
C ARG A 357 7.78 13.54 -4.81
N LEU A 358 8.27 14.77 -4.79
CA LEU A 358 9.71 14.98 -4.63
C LEU A 358 10.04 15.32 -3.18
N ARG A 359 11.32 15.23 -2.86
CA ARG A 359 11.77 15.29 -1.48
C ARG A 359 12.85 16.34 -1.36
N MET A 360 12.61 17.39 -0.57
CA MET A 360 13.60 18.42 -0.29
C MET A 360 14.26 18.13 1.06
N HIS A 361 15.57 18.16 1.04
CA HIS A 361 16.40 18.18 2.21
C HIS A 361 16.98 19.56 2.45
N LEU A 362 17.00 20.01 3.70
CA LEU A 362 17.59 21.29 4.05
C LEU A 362 18.67 21.05 5.10
N GLY A 363 19.92 21.33 4.74
CA GLY A 363 21.00 21.21 5.69
C GLY A 363 20.75 22.02 6.93
N LEU A 364 20.82 21.40 8.09
CA LEU A 364 20.65 22.15 9.31
C LEU A 364 21.86 22.03 10.23
N VAL A 365 22.29 20.82 10.55
CA VAL A 365 23.57 20.61 11.23
C VAL A 365 24.26 19.48 10.46
N ILE A 366 25.24 19.83 9.64
CA ILE A 366 25.92 18.88 8.74
C ILE A 366 27.36 18.83 9.20
N PRO A 367 27.84 17.69 9.70
CA PRO A 367 29.26 17.58 10.05
C PRO A 367 30.14 17.53 8.80
N LYS A 368 31.36 18.10 8.92
CA LYS A 368 32.13 18.48 7.73
C LYS A 368 32.58 17.29 6.92
N GLU A 369 32.71 16.12 7.53
CA GLU A 369 32.91 14.86 6.80
C GLU A 369 31.94 13.79 7.27
N GLY A 370 31.66 12.80 6.42
CA GLY A 370 31.04 11.55 6.85
C GLY A 370 29.63 11.25 6.37
N CYS A 371 28.94 12.18 5.71
CA CYS A 371 27.51 12.03 5.50
C CYS A 371 27.23 11.99 4.01
N LYS A 372 27.21 10.79 3.44
CA LYS A 372 26.91 10.57 2.04
C LYS A 372 25.43 10.23 1.91
N ILE A 373 24.85 10.54 0.75
CA ILE A 373 23.58 9.98 0.29
C ILE A 373 23.73 9.63 -1.17
N ARG A 374 23.22 8.48 -1.57
CA ARG A 374 23.30 8.09 -2.97
C ARG A 374 21.88 7.87 -3.44
N CYS A 375 21.54 8.46 -4.57
CA CYS A 375 20.27 8.23 -5.24
C CYS A 375 20.58 7.76 -6.66
N ALA A 376 20.47 6.45 -6.91
CA ALA A 376 20.88 5.84 -8.17
C ALA A 376 22.39 5.91 -8.41
N ASN A 377 22.81 6.62 -9.47
CA ASN A 377 24.18 6.56 -9.95
C ASN A 377 25.04 7.61 -9.24
N GLU A 378 24.41 8.69 -8.81
CA GLU A 378 25.09 9.87 -8.29
C GLU A 378 25.12 9.85 -6.77
N THR A 379 26.20 10.41 -6.19
CA THR A 379 26.32 10.58 -4.75
C THR A 379 26.51 12.05 -4.37
N LYS A 380 25.86 12.43 -3.28
CA LYS A 380 25.73 13.82 -2.90
C LYS A 380 25.80 13.91 -1.38
N THR A 381 26.06 15.13 -0.92
CA THR A 381 26.21 15.49 0.48
C THR A 381 25.36 16.73 0.77
N TRP A 382 24.99 16.97 2.02
CA TRP A 382 24.27 18.19 2.40
C TRP A 382 25.21 19.38 2.66
N GLU A 383 24.64 20.58 2.59
CA GLU A 383 25.24 21.79 3.12
C GLU A 383 24.25 22.51 4.01
N GLU A 384 24.73 23.03 5.14
CA GLU A 384 23.87 23.71 6.09
C GLU A 384 23.29 24.91 5.39
N GLY A 385 22.06 25.26 5.73
CA GLY A 385 21.41 26.32 5.01
C GLY A 385 21.19 26.10 3.55
N LYS A 386 21.61 24.97 2.96
CA LYS A 386 21.31 24.70 1.56
C LYS A 386 20.41 23.47 1.42
N VAL A 387 19.61 23.47 0.32
CA VAL A 387 18.54 22.49 0.04
C VAL A 387 18.96 21.55 -1.08
N LEU A 388 18.71 20.24 -0.92
CA LEU A 388 18.77 19.26 -1.99
C LEU A 388 17.37 18.69 -2.24
N ILE A 389 17.16 18.24 -3.48
CA ILE A 389 15.89 17.72 -3.97
C ILE A 389 16.15 16.42 -4.71
N PHE A 390 15.45 15.35 -4.37
CA PHE A 390 15.57 14.16 -5.18
C PHE A 390 14.21 13.49 -5.28
N ASP A 391 14.15 12.52 -6.18
CA ASP A 391 12.96 11.71 -6.43
C ASP A 391 13.11 10.46 -5.57
N ASP A 392 12.51 10.47 -4.36
CA ASP A 392 12.68 9.33 -3.47
C ASP A 392 12.05 8.05 -4.01
N SER A 393 11.22 8.12 -5.06
CA SER A 393 10.78 6.90 -5.73
C SER A 393 11.97 6.12 -6.32
N PHE A 394 13.11 6.79 -6.52
CA PHE A 394 14.35 6.16 -6.92
C PHE A 394 15.16 5.59 -5.75
N GLU A 395 16.10 4.71 -6.10
CA GLU A 395 16.84 3.98 -5.07
C GLU A 395 17.82 4.92 -4.39
N HIS A 396 17.73 5.08 -3.05
CA HIS A 396 18.66 5.91 -2.30
C HIS A 396 19.19 5.15 -1.07
N GLU A 397 20.39 5.52 -0.67
CA GLU A 397 21.14 4.83 0.36
C GLU A 397 21.93 5.91 1.06
N VAL A 398 22.17 5.73 2.37
CA VAL A 398 22.80 6.78 3.19
C VAL A 398 23.78 6.14 4.15
N TRP A 399 24.84 6.89 4.48
CA TRP A 399 25.82 6.57 5.50
C TRP A 399 26.02 7.81 6.37
N GLN A 400 26.29 7.60 7.68
CA GLN A 400 26.60 8.65 8.65
C GLN A 400 27.80 8.15 9.42
N ASP A 401 28.99 8.55 8.98
CA ASP A 401 30.25 8.09 9.53
C ASP A 401 31.09 9.24 10.07
N ALA A 402 30.43 10.27 10.60
CA ALA A 402 31.09 11.43 11.17
C ALA A 402 31.37 11.12 12.62
N SER A 403 31.68 12.17 13.36
CA SER A 403 32.02 12.07 14.77
C SER A 403 30.99 12.83 15.61
N SER A 404 29.81 13.10 15.05
CA SER A 404 28.80 13.90 15.74
C SER A 404 27.49 13.81 14.99
N PHE A 405 26.43 14.37 15.58
CA PHE A 405 25.11 14.15 14.97
C PHE A 405 24.90 15.01 13.72
N ARG A 406 23.96 14.57 12.87
CA ARG A 406 23.66 15.22 11.60
C ARG A 406 22.17 15.41 11.52
N LEU A 407 21.77 16.63 11.23
CA LEU A 407 20.36 17.05 11.22
C LEU A 407 20.00 17.80 9.95
N ILE A 408 18.84 17.45 9.38
CA ILE A 408 18.30 18.01 8.17
C ILE A 408 16.80 18.16 8.36
N PHE A 409 16.17 18.91 7.47
CA PHE A 409 14.73 19.13 7.43
C PHE A 409 14.22 18.57 6.11
N ILE A 410 13.21 17.70 6.18
CA ILE A 410 12.65 17.03 5.01
C ILE A 410 11.28 17.60 4.75
N VAL A 411 11.04 18.00 3.51
CA VAL A 411 9.83 18.67 3.08
C VAL A 411 9.38 18.02 1.78
N ASP A 412 8.30 17.26 1.80
CA ASP A 412 7.79 16.60 0.59
C ASP A 412 6.85 17.53 -0.14
N VAL A 413 7.05 17.69 -1.49
CA VAL A 413 6.13 18.43 -2.37
C VAL A 413 5.52 17.52 -3.45
N TRP A 414 4.27 17.84 -3.84
CA TRP A 414 3.63 17.21 -5.00
C TRP A 414 4.58 17.16 -6.18
N HIS A 415 4.61 16.06 -6.88
CA HIS A 415 5.40 16.09 -8.09
C HIS A 415 4.90 17.24 -8.96
N PRO A 416 5.75 18.15 -9.39
CA PRO A 416 5.22 19.42 -9.91
C PRO A 416 4.41 19.28 -11.21
N GLU A 417 4.65 18.27 -12.06
CA GLU A 417 3.77 18.05 -13.21
C GLU A 417 2.35 17.60 -12.80
N LEU A 418 2.05 17.42 -11.50
CA LEU A 418 0.76 16.91 -11.04
C LEU A 418 -0.28 18.03 -10.95
N THR A 419 -1.46 17.85 -11.62
CA THR A 419 -2.41 18.95 -11.76
C THR A 419 -3.36 19.04 -10.56
N PRO A 420 -3.91 20.22 -10.31
CA PRO A 420 -4.68 20.41 -9.07
C PRO A 420 -5.70 19.32 -8.79
N GLN A 421 -6.54 18.95 -9.77
CA GLN A 421 -7.54 17.92 -9.50
C GLN A 421 -6.87 16.63 -9.08
N GLN A 422 -5.65 16.38 -9.62
CA GLN A 422 -4.89 15.18 -9.26
C GLN A 422 -4.43 15.20 -7.81
N ARG A 423 -4.14 16.37 -7.25
CA ARG A 423 -3.83 16.47 -5.83
C ARG A 423 -5.06 16.31 -4.96
N ARG A 424 -6.21 16.68 -5.50
CA ARG A 424 -7.45 16.44 -4.80
C ARG A 424 -7.84 14.96 -4.79
N SER A 425 -7.48 14.19 -5.83
CA SER A 425 -8.05 12.86 -6.03
C SER A 425 -7.18 11.79 -5.38
N LEU A 426 -5.86 11.88 -5.57
CA LEU A 426 -5.02 10.71 -5.34
C LEU A 426 -5.17 10.16 -3.92
N PRO A 427 -5.13 8.84 -3.74
CA PRO A 427 -5.22 8.31 -2.38
C PRO A 427 -4.02 8.70 -1.54
N ALA A 428 -4.30 9.01 -0.28
CA ALA A 428 -3.25 9.46 0.63
C ALA A 428 -2.35 8.31 1.03
N ILE A 429 -1.04 8.57 1.14
CA ILE A 429 -0.11 7.50 1.49
C ILE A 429 0.86 7.88 2.59
N GLY B 14 0.38 0.33 10.35
CA GLY B 14 1.53 0.80 9.58
C GLY B 14 1.17 1.74 8.44
N LYS B 15 2.05 2.70 8.20
CA LYS B 15 2.06 3.53 7.00
C LYS B 15 3.34 3.29 6.25
N CYS B 16 3.29 3.45 4.95
CA CYS B 16 4.53 3.48 4.18
C CYS B 16 4.88 4.95 4.08
N LYS B 17 5.98 5.28 4.75
CA LYS B 17 6.42 6.67 4.77
C LYS B 17 7.68 6.90 3.94
N ASP B 18 8.76 6.17 4.22
CA ASP B 18 9.99 6.20 3.46
C ASP B 18 10.18 4.95 2.64
N GLY B 19 9.37 3.89 2.86
CA GLY B 19 9.53 2.58 2.23
C GLY B 19 8.23 1.92 1.78
N LEU B 20 8.25 0.62 1.47
CA LEU B 20 7.07 -0.06 0.95
C LEU B 20 6.89 -1.39 1.64
N GLY B 21 6.94 -1.37 2.96
CA GLY B 21 6.85 -2.61 3.68
C GLY B 21 5.47 -3.03 4.16
N GLU B 22 4.43 -2.24 3.95
CA GLU B 22 3.10 -2.73 4.27
C GLU B 22 2.57 -3.43 3.04
N TYR B 23 1.55 -4.28 3.26
CA TYR B 23 1.02 -5.12 2.20
C TYR B 23 0.10 -4.32 1.29
N THR B 24 -0.59 -3.34 1.84
CA THR B 24 -1.21 -2.28 1.07
C THR B 24 -0.84 -0.99 1.80
N CYS B 25 -0.36 -0.01 1.04
CA CYS B 25 -0.08 1.32 1.59
C CYS B 25 -1.27 2.28 1.61
N THR B 26 -2.25 2.08 0.73
CA THR B 26 -3.45 2.89 0.72
C THR B 26 -4.61 2.02 1.15
N SER B 27 -5.47 2.57 1.97
CA SER B 27 -6.66 1.85 2.43
C SER B 27 -7.80 2.47 1.64
N LEU B 28 -8.11 1.88 0.49
CA LEU B 28 -9.33 2.20 -0.23
C LEU B 28 -10.56 1.70 0.54
N GLU B 29 -11.68 2.37 0.33
CA GLU B 29 -12.89 2.05 1.08
C GLU B 29 -14.05 2.82 0.45
N GLY B 30 -14.57 2.28 -0.67
CA GLY B 30 -15.65 2.79 -1.46
C GLY B 30 -15.27 2.94 -2.91
N PHE B 31 -16.11 3.65 -3.63
CA PHE B 31 -15.78 4.05 -4.96
C PHE B 31 -14.93 5.32 -5.04
MN MN C . 14.20 7.46 2.03
C01 Q1W D . 14.74 10.22 2.91
C02 Q1W D . 15.56 9.57 3.74
C03 Q1W D . 15.96 10.34 5.04
C04 Q1W D . 17.20 9.88 5.80
C05 Q1W D . 18.06 10.97 6.40
C06 Q1W D . 16.75 9.15 7.03
C07 Q1W D . 18.04 8.84 5.07
O01 Q1W D . 15.83 8.41 3.34
O02 Q1W D . 14.48 9.70 1.73
O03 Q1W D . 14.20 11.24 3.25
O04 Q1W D . 17.68 11.71 7.49
O05 Q1W D . 19.19 11.13 5.97
H01 Q1W D . 15.21 10.29 5.65
H02 Q1W D . 16.10 11.26 4.79
H04 Q1W D . 17.42 9.24 7.72
H06 Q1W D . 16.62 8.21 6.81
H05 Q1W D . 15.90 9.52 7.33
H07 Q1W D . 18.24 9.15 4.18
H09 Q1W D . 17.55 8.01 5.02
H08 Q1W D . 18.87 8.69 5.57
#